data_6KDQ
#
_entry.id   6KDQ
#
_cell.length_a   114.724
_cell.length_b   65.790
_cell.length_c   69.003
_cell.angle_alpha   90.000
_cell.angle_beta   106.540
_cell.angle_gamma   90.000
#
_symmetry.space_group_name_H-M   'C 1 2 1'
#
loop_
_entity.id
_entity.type
_entity.pdbx_description
1 polymer 'N-terminal Xaa-Pro-Lys N-methyltransferase 1'
2 polymer 'CENP-A peptide'
3 non-polymer S-ADENOSYL-L-HOMOCYSTEINE
4 water water
#
loop_
_entity_poly.entity_id
_entity_poly.type
_entity_poly.pdbx_seq_one_letter_code
_entity_poly.pdbx_strand_id
1 'polypeptide(L)'
;MGSSHHHHHHSSGLVPRGSHMTSEVIEDEKQFYSKAKTYWKQIPPTVDGMLGGYGHISSIDINSSRKFLQRFLREGPNKT
GTSCALDCGAGIGRITKRLLLPLFREVDMVDITEDFLVQAKTYLGEEGKRVRNYFCCGLQDFTPEPDSYDVIWIQWVIGH
LTDQHLAEFLRRCKGSLRPNGIIVIKDNMAQEGVILDDVDSSVCRDLDVVRRIICSAGLSLLAEERQENLPDEIYHVYSF
ALR
;
A,B
2 'polypeptide(L)' (SAR)PRRRSR E,F
#
loop_
_chem_comp.id
_chem_comp.type
_chem_comp.name
_chem_comp.formula
SAH non-polymer S-ADENOSYL-L-HOMOCYSTEINE 'C14 H20 N6 O5 S'
#
# COMPACT_ATOMS: atom_id res chain seq x y z
N VAL A 15 29.63 16.19 -8.53
CA VAL A 15 28.42 17.02 -8.56
C VAL A 15 27.46 16.50 -9.64
N PRO A 16 26.26 16.09 -9.25
CA PRO A 16 25.34 15.47 -10.19
C PRO A 16 24.66 16.48 -11.10
N ARG A 17 24.08 15.94 -12.18
CA ARG A 17 23.35 16.74 -13.16
C ARG A 17 22.31 17.63 -12.48
N GLY A 18 21.69 17.12 -11.44
CA GLY A 18 20.72 17.89 -10.68
C GLY A 18 20.46 17.17 -9.39
N SER A 19 19.75 17.85 -8.50
CA SER A 19 19.40 17.26 -7.22
C SER A 19 18.09 16.50 -7.36
N HIS A 20 17.92 15.46 -6.51
CA HIS A 20 16.66 14.72 -6.50
C HIS A 20 16.14 14.44 -5.09
N MET A 21 16.68 15.08 -4.05
CA MET A 21 16.15 14.91 -2.70
C MET A 21 16.47 16.16 -1.90
N THR A 22 15.72 16.38 -0.82
CA THR A 22 15.86 17.65 -0.11
C THR A 22 17.22 17.77 0.59
N SER A 23 17.83 16.65 0.98
CA SER A 23 19.13 16.73 1.63
C SER A 23 20.19 17.30 0.71
N GLU A 24 19.94 17.36 -0.59
CA GLU A 24 20.89 17.94 -1.52
C GLU A 24 20.75 19.46 -1.64
N VAL A 25 19.64 20.03 -1.21
CA VAL A 25 19.41 21.46 -1.38
C VAL A 25 19.19 22.22 -0.08
N ILE A 26 18.93 21.55 1.05
CA ILE A 26 18.69 22.21 2.32
C ILE A 26 19.99 22.17 3.13
N GLU A 27 20.59 23.34 3.36
CA GLU A 27 21.88 23.40 4.04
C GLU A 27 21.75 23.13 5.53
N ASP A 28 20.65 23.59 6.13
CA ASP A 28 20.49 23.63 7.58
C ASP A 28 19.01 23.51 7.85
N GLU A 29 18.58 22.34 8.35
CA GLU A 29 17.14 22.11 8.47
C GLU A 29 16.49 23.08 9.45
N LYS A 30 17.14 23.35 10.58
CA LYS A 30 16.58 24.32 11.53
C LYS A 30 16.33 25.67 10.89
N GLN A 31 17.28 26.16 10.10
CA GLN A 31 17.11 27.44 9.43
C GLN A 31 16.07 27.37 8.31
N PHE A 32 15.99 26.22 7.63
CA PHE A 32 14.96 26.02 6.61
C PHE A 32 13.56 26.26 7.20
N TYR A 33 13.30 25.65 8.36
CA TYR A 33 12.01 25.84 9.01
C TYR A 33 11.86 27.24 9.60
N SER A 34 12.89 27.76 10.27
CA SER A 34 12.71 29.06 10.91
C SER A 34 12.54 30.18 9.89
N LYS A 35 13.24 30.11 8.77
CA LYS A 35 13.08 31.13 7.74
C LYS A 35 11.71 31.06 7.09
N ALA A 36 11.19 29.84 6.90
CA ALA A 36 9.82 29.70 6.37
C ALA A 36 8.78 30.27 7.32
N LYS A 37 8.91 30.01 8.61
CA LYS A 37 7.95 30.55 9.57
C LYS A 37 7.98 32.08 9.56
N THR A 38 9.18 32.66 9.51
CA THR A 38 9.31 34.11 9.43
C THR A 38 8.69 34.65 8.14
N TYR A 39 8.91 33.95 7.03
CA TYR A 39 8.33 34.39 5.76
C TYR A 39 6.80 34.50 5.88
N TRP A 40 6.14 33.47 6.41
CA TRP A 40 4.68 33.47 6.43
C TRP A 40 4.12 34.49 7.42
N LYS A 41 4.87 34.80 8.48
CA LYS A 41 4.43 35.83 9.41
C LYS A 41 4.29 37.18 8.73
N GLN A 42 5.00 37.39 7.62
CA GLN A 42 5.03 38.69 6.95
C GLN A 42 4.07 38.79 5.77
N ILE A 43 3.28 37.74 5.52
CA ILE A 43 2.37 37.70 4.38
C ILE A 43 0.99 38.20 4.81
N PRO A 44 0.34 39.08 4.03
CA PRO A 44 -1.02 39.53 4.40
C PRO A 44 -1.99 38.36 4.49
N PRO A 45 -2.92 38.40 5.46
CA PRO A 45 -3.89 37.29 5.65
C PRO A 45 -5.07 37.41 4.68
N THR A 46 -4.77 37.32 3.40
CA THR A 46 -5.75 37.53 2.33
C THR A 46 -5.59 36.39 1.32
N VAL A 47 -6.59 36.26 0.45
CA VAL A 47 -6.51 35.23 -0.58
C VAL A 47 -5.29 35.45 -1.49
N ASP A 48 -5.04 36.70 -1.88
CA ASP A 48 -3.89 36.96 -2.73
C ASP A 48 -2.58 36.67 -2.00
N GLY A 49 -2.56 36.86 -0.67
CA GLY A 49 -1.39 36.46 0.09
C GLY A 49 -1.20 34.96 0.11
N MET A 50 -2.28 34.21 0.33
CA MET A 50 -2.18 32.75 0.30
C MET A 50 -1.63 32.26 -1.03
N LEU A 51 -2.00 32.94 -2.13
CA LEU A 51 -1.69 32.48 -3.47
C LEU A 51 -0.52 33.23 -4.11
N GLY A 52 0.24 33.97 -3.32
CA GLY A 52 1.45 34.62 -3.81
C GLY A 52 1.22 35.53 -5.00
N GLY A 53 0.15 36.32 -4.96
CA GLY A 53 -0.18 37.21 -6.07
C GLY A 53 -1.08 36.61 -7.10
N TYR A 54 -1.53 35.36 -6.91
CA TYR A 54 -2.39 34.68 -7.86
C TYR A 54 -3.82 34.53 -7.35
N GLY A 55 -4.28 35.47 -6.51
CA GLY A 55 -5.66 35.42 -6.05
C GLY A 55 -6.68 35.34 -7.16
N HIS A 56 -6.33 35.86 -8.34
CA HIS A 56 -7.25 35.86 -9.48
C HIS A 56 -7.50 34.47 -10.07
N ILE A 57 -6.75 33.45 -9.67
CA ILE A 57 -7.04 32.10 -10.16
C ILE A 57 -7.60 31.20 -9.07
N SER A 58 -7.99 31.77 -7.93
CA SER A 58 -8.54 30.95 -6.84
C SER A 58 -9.75 30.14 -7.30
N SER A 59 -10.65 30.74 -8.07
CA SER A 59 -11.85 30.02 -8.49
C SER A 59 -11.50 28.89 -9.44
N ILE A 60 -10.54 29.11 -10.35
CA ILE A 60 -10.10 28.03 -11.24
C ILE A 60 -9.60 26.85 -10.42
N ASP A 61 -8.78 27.14 -9.40
CA ASP A 61 -8.27 26.09 -8.52
C ASP A 61 -9.40 25.35 -7.81
N ILE A 62 -10.27 26.10 -7.12
CA ILE A 62 -11.33 25.50 -6.30
C ILE A 62 -12.28 24.66 -7.15
N ASN A 63 -12.67 25.18 -8.30
CA ASN A 63 -13.63 24.44 -9.13
C ASN A 63 -13.06 23.12 -9.61
N SER A 64 -11.78 23.09 -9.96
CA SER A 64 -11.17 21.82 -10.34
C SER A 64 -11.05 20.89 -9.14
N SER A 65 -10.67 21.43 -7.97
CA SER A 65 -10.59 20.61 -6.76
C SER A 65 -11.94 19.99 -6.43
N ARG A 66 -13.03 20.75 -6.59
CA ARG A 66 -14.36 20.23 -6.29
C ARG A 66 -14.70 19.05 -7.20
N LYS A 67 -14.45 19.21 -8.50
CA LYS A 67 -14.71 18.12 -9.44
C LYS A 67 -13.86 16.90 -9.12
N PHE A 68 -12.60 17.13 -8.74
CA PHE A 68 -11.70 16.04 -8.41
C PHE A 68 -12.19 15.28 -7.18
N LEU A 69 -12.59 16.01 -6.15
CA LEU A 69 -13.01 15.39 -4.89
C LEU A 69 -14.39 14.74 -5.00
N GLN A 70 -15.29 15.37 -5.76
CA GLN A 70 -16.68 14.89 -5.79
C GLN A 70 -16.78 13.47 -6.32
N ARG A 71 -15.84 13.04 -7.16
CA ARG A 71 -15.87 11.67 -7.64
C ARG A 71 -15.77 10.66 -6.50
N PHE A 72 -15.02 10.99 -5.44
CA PHE A 72 -14.87 10.09 -4.31
C PHE A 72 -16.05 10.17 -3.36
N LEU A 73 -16.71 11.32 -3.28
CA LEU A 73 -17.84 11.48 -2.37
C LEU A 73 -19.14 10.96 -2.95
N ARG A 74 -19.27 10.96 -4.28
CA ARG A 74 -20.55 10.74 -4.90
C ARG A 74 -20.68 9.45 -5.70
N GLU A 75 -19.56 8.84 -6.10
CA GLU A 75 -19.58 7.71 -7.01
C GLU A 75 -18.89 6.51 -6.37
N GLY A 76 -19.33 5.31 -6.75
CA GLY A 76 -18.70 4.09 -6.31
C GLY A 76 -19.46 3.38 -5.21
N PRO A 77 -19.10 2.12 -4.97
CA PRO A 77 -19.73 1.37 -3.88
C PRO A 77 -19.13 1.62 -2.50
N ASN A 78 -17.96 2.25 -2.44
CA ASN A 78 -17.28 2.53 -1.17
C ASN A 78 -16.99 4.03 -1.09
N LYS A 79 -18.05 4.81 -0.98
CA LYS A 79 -17.91 6.26 -1.04
C LYS A 79 -17.15 6.79 0.16
N THR A 80 -16.34 7.81 -0.09
CA THR A 80 -15.73 8.58 0.99
C THR A 80 -16.81 9.35 1.73
N GLY A 81 -16.73 9.34 3.06
CA GLY A 81 -17.71 10.02 3.88
C GLY A 81 -17.57 11.52 3.84
N THR A 82 -18.56 12.19 4.46
CA THR A 82 -18.65 13.64 4.48
C THR A 82 -18.80 14.18 5.90
N SER A 83 -18.34 13.42 6.89
CA SER A 83 -18.47 13.85 8.27
C SER A 83 -17.42 14.89 8.66
N CYS A 84 -16.14 14.66 8.32
N CYS A 84 -16.16 14.66 8.29
CA CYS A 84 -15.07 15.49 8.88
CA CYS A 84 -15.07 15.45 8.82
C CYS A 84 -13.89 15.54 7.92
C CYS A 84 -13.99 15.57 7.75
N ALA A 85 -13.42 16.75 7.63
CA ALA A 85 -12.24 16.96 6.80
C ALA A 85 -11.21 17.75 7.58
N LEU A 86 -9.94 17.55 7.21
CA LEU A 86 -8.81 18.28 7.77
C LEU A 86 -8.12 19.04 6.66
N ASP A 87 -8.00 20.36 6.82
CA ASP A 87 -7.34 21.22 5.84
C ASP A 87 -5.93 21.53 6.37
N CYS A 88 -4.90 21.05 5.66
CA CYS A 88 -3.51 21.10 6.16
C CYS A 88 -2.77 22.24 5.48
N GLY A 89 -2.09 23.05 6.28
CA GLY A 89 -1.52 24.28 5.72
C GLY A 89 -2.63 25.20 5.29
N ALA A 90 -3.69 25.31 6.10
CA ALA A 90 -4.95 25.88 5.65
C ALA A 90 -4.90 27.39 5.46
N GLY A 91 -3.92 28.06 6.06
CA GLY A 91 -3.90 29.52 6.01
C GLY A 91 -5.16 30.11 6.60
N ILE A 92 -5.72 31.11 5.90
CA ILE A 92 -6.94 31.79 6.36
C ILE A 92 -8.19 31.02 6.03
N GLY A 93 -8.09 29.85 5.39
CA GLY A 93 -9.25 29.06 5.05
C GLY A 93 -9.81 29.25 3.67
N ARG A 94 -8.99 29.62 2.69
CA ARG A 94 -9.48 29.77 1.32
C ARG A 94 -10.14 28.49 0.83
N ILE A 95 -9.49 27.34 1.08
CA ILE A 95 -10.02 26.05 0.66
C ILE A 95 -11.14 25.60 1.59
N THR A 96 -10.97 25.81 2.89
CA THR A 96 -12.01 25.48 3.84
C THR A 96 -13.32 26.18 3.48
N LYS A 97 -13.25 27.46 3.10
CA LYS A 97 -14.47 28.22 2.81
C LYS A 97 -15.20 27.69 1.58
N ARG A 98 -14.49 27.53 0.46
CA ARG A 98 -15.17 27.27 -0.80
C ARG A 98 -15.18 25.82 -1.24
N LEU A 99 -14.25 25.00 -0.75
CA LEU A 99 -14.23 23.59 -1.09
C LEU A 99 -14.81 22.72 0.02
N LEU A 100 -14.29 22.84 1.24
CA LEU A 100 -14.54 21.82 2.27
C LEU A 100 -15.82 22.06 3.07
N LEU A 101 -16.03 23.27 3.60
CA LEU A 101 -17.25 23.52 4.38
C LEU A 101 -18.53 23.21 3.60
N PRO A 102 -18.63 23.47 2.29
CA PRO A 102 -19.85 23.10 1.57
C PRO A 102 -20.05 21.60 1.41
N LEU A 103 -19.01 20.79 1.61
CA LEU A 103 -19.09 19.36 1.36
C LEU A 103 -19.05 18.49 2.61
N PHE A 104 -18.51 19.01 3.72
CA PHE A 104 -18.31 18.23 4.94
C PHE A 104 -19.02 18.91 6.11
N ARG A 105 -19.58 18.08 7.01
CA ARG A 105 -20.33 18.63 8.14
C ARG A 105 -19.40 19.43 9.05
N GLU A 106 -18.17 18.97 9.23
CA GLU A 106 -17.23 19.59 10.14
C GLU A 106 -15.88 19.65 9.44
N VAL A 107 -15.13 20.71 9.68
CA VAL A 107 -13.77 20.86 9.17
C VAL A 107 -12.85 21.26 10.31
N ASP A 108 -11.65 20.67 10.34
CA ASP A 108 -10.57 21.12 11.20
C ASP A 108 -9.51 21.76 10.31
N MET A 109 -8.79 22.75 10.83
CA MET A 109 -7.73 23.41 10.09
C MET A 109 -6.45 23.33 10.89
N VAL A 110 -5.33 23.06 10.22
CA VAL A 110 -4.02 23.11 10.85
C VAL A 110 -3.08 23.99 10.03
N ASP A 111 -2.38 24.90 10.71
CA ASP A 111 -1.46 25.80 10.05
C ASP A 111 -0.44 26.29 11.06
N ILE A 112 0.78 26.56 10.57
CA ILE A 112 1.84 27.02 11.47
C ILE A 112 1.63 28.46 11.91
N THR A 113 0.89 29.26 11.14
CA THR A 113 0.81 30.71 11.35
C THR A 113 -0.48 31.05 12.09
N GLU A 114 -0.36 31.37 13.39
CA GLU A 114 -1.55 31.60 14.20
C GLU A 114 -2.41 32.75 13.67
N ASP A 115 -1.78 33.81 13.15
CA ASP A 115 -2.55 34.95 12.68
C ASP A 115 -3.47 34.59 11.52
N PHE A 116 -3.09 33.58 10.72
CA PHE A 116 -3.98 33.13 9.65
C PHE A 116 -5.20 32.41 10.21
N LEU A 117 -5.00 31.61 11.28
CA LEU A 117 -6.11 30.93 11.93
C LEU A 117 -7.04 31.92 12.62
N VAL A 118 -6.47 32.98 13.19
CA VAL A 118 -7.28 34.05 13.77
C VAL A 118 -8.10 34.75 12.68
N GLN A 119 -7.45 35.11 11.57
CA GLN A 119 -8.18 35.76 10.49
C GLN A 119 -9.25 34.84 9.92
N ALA A 120 -8.99 33.54 9.92
CA ALA A 120 -9.97 32.56 9.44
C ALA A 120 -11.34 32.75 10.11
N LYS A 121 -11.34 33.04 11.41
CA LYS A 121 -12.62 33.17 12.11
C LYS A 121 -13.47 34.28 11.50
N THR A 122 -12.84 35.34 11.03
CA THR A 122 -13.55 36.41 10.31
C THR A 122 -13.80 36.01 8.86
N TYR A 123 -12.78 35.49 8.18
CA TYR A 123 -12.88 35.21 6.75
C TYR A 123 -13.98 34.18 6.45
N LEU A 124 -14.13 33.18 7.33
CA LEU A 124 -15.08 32.09 7.10
C LEU A 124 -16.52 32.46 7.43
N GLY A 125 -16.74 33.52 8.21
CA GLY A 125 -18.11 33.96 8.46
C GLY A 125 -18.95 32.96 9.24
N GLU A 126 -20.26 32.99 8.97
CA GLU A 126 -21.18 32.14 9.73
C GLU A 126 -20.91 30.66 9.50
N GLU A 127 -20.59 30.28 8.27
CA GLU A 127 -20.28 28.89 7.98
C GLU A 127 -19.04 28.41 8.72
N GLY A 128 -18.16 29.33 9.10
CA GLY A 128 -16.99 29.00 9.92
C GLY A 128 -17.33 28.48 11.30
N LYS A 129 -18.59 28.59 11.73
CA LYS A 129 -18.97 27.95 12.99
C LYS A 129 -18.86 26.44 12.91
N ARG A 130 -18.80 25.87 11.70
CA ARG A 130 -18.60 24.44 11.55
C ARG A 130 -17.14 24.05 11.42
N VAL A 131 -16.20 24.99 11.56
CA VAL A 131 -14.81 24.62 11.80
C VAL A 131 -14.67 24.32 13.28
N ARG A 132 -14.21 23.12 13.60
N ARG A 132 -14.24 23.11 13.60
CA ARG A 132 -14.19 22.69 15.01
CA ARG A 132 -14.18 22.64 15.00
C ARG A 132 -12.85 22.98 15.68
C ARG A 132 -12.86 23.02 15.64
N ASN A 133 -11.76 22.43 15.17
CA ASN A 133 -10.43 22.65 15.73
C ASN A 133 -9.60 23.54 14.81
N TYR A 134 -8.98 24.55 15.39
CA TYR A 134 -7.97 25.38 14.72
C TYR A 134 -6.63 25.02 15.35
N PHE A 135 -5.91 24.09 14.73
CA PHE A 135 -4.65 23.61 15.27
C PHE A 135 -3.53 24.53 14.79
N CYS A 136 -2.82 25.15 15.72
CA CYS A 136 -1.62 25.94 15.39
C CYS A 136 -0.40 25.06 15.59
N CYS A 137 0.17 24.56 14.48
CA CYS A 137 1.24 23.57 14.57
C CYS A 137 1.90 23.45 13.20
N GLY A 138 3.22 23.23 13.19
CA GLY A 138 3.88 22.82 11.96
C GLY A 138 3.51 21.37 11.65
N LEU A 139 3.29 21.08 10.37
CA LEU A 139 2.92 19.72 9.99
C LEU A 139 3.95 18.70 10.46
N GLN A 140 5.23 19.09 10.48
CA GLN A 140 6.29 18.19 10.90
C GLN A 140 6.16 17.76 12.36
N ASP A 141 5.37 18.49 13.17
CA ASP A 141 5.13 18.16 14.56
C ASP A 141 3.68 17.80 14.84
N PHE A 142 2.86 17.61 13.81
CA PHE A 142 1.42 17.45 13.97
C PHE A 142 1.04 16.00 13.79
N THR A 143 0.25 15.48 14.72
CA THR A 143 -0.30 14.13 14.61
C THR A 143 -1.82 14.22 14.48
N PRO A 144 -2.37 14.02 13.28
CA PRO A 144 -3.83 13.99 13.14
C PRO A 144 -4.36 12.78 13.89
N GLU A 145 -5.55 12.95 14.48
CA GLU A 145 -6.08 11.93 15.37
C GLU A 145 -6.44 10.66 14.59
N PRO A 146 -6.09 9.49 15.12
CA PRO A 146 -6.46 8.25 14.44
C PRO A 146 -7.96 8.13 14.21
N ASP A 147 -8.32 7.57 13.06
CA ASP A 147 -9.72 7.29 12.70
C ASP A 147 -10.61 8.52 12.89
N SER A 148 -10.22 9.61 12.24
CA SER A 148 -10.88 10.89 12.49
C SER A 148 -11.39 11.63 11.26
N TYR A 149 -10.73 11.49 10.12
CA TYR A 149 -11.07 12.32 8.96
C TYR A 149 -11.45 11.47 7.75
N ASP A 150 -12.52 11.88 7.08
CA ASP A 150 -12.85 11.31 5.78
C ASP A 150 -11.92 11.80 4.69
N VAL A 151 -11.53 13.07 4.72
CA VAL A 151 -10.63 13.66 3.74
C VAL A 151 -9.59 14.48 4.48
N ILE A 152 -8.32 14.26 4.15
CA ILE A 152 -7.23 15.12 4.61
C ILE A 152 -6.69 15.83 3.36
N TRP A 153 -6.86 17.15 3.32
CA TRP A 153 -6.52 17.97 2.16
C TRP A 153 -5.22 18.71 2.44
N ILE A 154 -4.19 18.49 1.61
CA ILE A 154 -2.85 19.06 1.81
C ILE A 154 -2.51 19.83 0.55
N GLN A 155 -2.65 21.16 0.57
CA GLN A 155 -2.46 21.92 -0.65
C GLN A 155 -1.46 23.06 -0.46
N TRP A 156 -0.50 23.14 -1.38
CA TRP A 156 0.47 24.24 -1.45
C TRP A 156 1.21 24.41 -0.14
N VAL A 157 1.68 23.29 0.40
CA VAL A 157 2.45 23.29 1.64
C VAL A 157 3.52 22.19 1.70
N ILE A 158 3.46 21.18 0.83
CA ILE A 158 4.39 20.04 0.99
C ILE A 158 5.83 20.48 0.77
N GLY A 159 6.06 21.52 -0.01
CA GLY A 159 7.40 22.03 -0.23
C GLY A 159 8.03 22.64 1.00
N HIS A 160 7.25 22.84 2.06
CA HIS A 160 7.80 23.35 3.32
C HIS A 160 8.30 22.25 4.26
N LEU A 161 8.15 20.98 3.89
CA LEU A 161 8.63 19.87 4.72
C LEU A 161 9.81 19.20 4.05
N THR A 162 10.78 18.78 4.85
CA THR A 162 11.85 17.95 4.33
C THR A 162 11.29 16.59 3.90
N ASP A 163 12.09 15.83 3.16
CA ASP A 163 11.64 14.51 2.70
C ASP A 163 11.27 13.60 3.88
N GLN A 164 12.11 13.54 4.91
CA GLN A 164 11.80 12.68 6.05
C GLN A 164 10.53 13.14 6.76
N HIS A 165 10.39 14.46 6.95
CA HIS A 165 9.19 14.94 7.63
C HIS A 165 7.94 14.70 6.80
N LEU A 166 8.03 14.89 5.48
CA LEU A 166 6.87 14.69 4.63
C LEU A 166 6.44 13.22 4.61
N ALA A 167 7.40 12.31 4.46
CA ALA A 167 7.09 10.87 4.48
C ALA A 167 6.42 10.49 5.81
N GLU A 168 6.98 10.96 6.92
CA GLU A 168 6.40 10.61 8.22
C GLU A 168 5.03 11.25 8.42
N PHE A 169 4.87 12.51 8.01
CA PHE A 169 3.57 13.16 8.14
C PHE A 169 2.50 12.41 7.37
N LEU A 170 2.82 12.00 6.13
CA LEU A 170 1.85 11.27 5.32
C LEU A 170 1.50 9.93 5.96
N ARG A 171 2.48 9.27 6.57
CA ARG A 171 2.22 8.02 7.29
C ARG A 171 1.28 8.24 8.48
N ARG A 172 1.44 9.35 9.21
CA ARG A 172 0.54 9.65 10.31
C ARG A 172 -0.85 10.00 9.79
N CYS A 173 -0.91 10.69 8.64
CA CYS A 173 -2.21 10.99 8.03
C CYS A 173 -2.95 9.72 7.66
N LYS A 174 -2.23 8.72 7.14
CA LYS A 174 -2.87 7.47 6.78
C LYS A 174 -3.58 6.86 7.97
N GLY A 175 -2.94 6.87 9.14
CA GLY A 175 -3.56 6.33 10.34
C GLY A 175 -4.78 7.10 10.80
N SER A 176 -4.93 8.34 10.34
CA SER A 176 -6.01 9.26 10.72
C SER A 176 -7.26 9.07 9.89
N LEU A 177 -7.19 8.33 8.79
CA LEU A 177 -8.32 8.23 7.86
C LEU A 177 -9.40 7.31 8.42
N ARG A 178 -10.65 7.74 8.21
N ARG A 178 -10.64 7.73 8.21
CA ARG A 178 -11.82 6.90 8.46
CA ARG A 178 -11.80 6.89 8.48
C ARG A 178 -11.92 5.86 7.35
C ARG A 178 -11.99 5.91 7.32
N PRO A 179 -12.81 4.88 7.49
CA PRO A 179 -13.02 3.92 6.38
C PRO A 179 -13.43 4.62 5.10
N ASN A 180 -12.79 4.23 4.00
CA ASN A 180 -12.94 4.83 2.67
C ASN A 180 -12.36 6.24 2.58
N GLY A 181 -11.66 6.71 3.61
CA GLY A 181 -11.12 8.05 3.58
C GLY A 181 -9.95 8.17 2.63
N ILE A 182 -9.66 9.42 2.23
CA ILE A 182 -8.54 9.69 1.33
C ILE A 182 -7.73 10.87 1.83
N ILE A 183 -6.46 10.87 1.43
CA ILE A 183 -5.58 12.04 1.51
C ILE A 183 -5.46 12.61 0.10
N VAL A 184 -5.59 13.93 -0.02
CA VAL A 184 -5.33 14.62 -1.28
C VAL A 184 -4.12 15.54 -1.08
N ILE A 185 -3.10 15.36 -1.92
CA ILE A 185 -2.02 16.34 -2.07
C ILE A 185 -2.26 17.11 -3.35
N LYS A 186 -2.30 18.43 -3.25
CA LYS A 186 -2.37 19.28 -4.44
C LYS A 186 -1.25 20.30 -4.33
N ASP A 187 -0.31 20.29 -5.29
CA ASP A 187 0.87 21.12 -5.06
C ASP A 187 1.67 21.31 -6.35
N ASN A 188 2.65 22.20 -6.25
CA ASN A 188 3.55 22.49 -7.35
C ASN A 188 4.47 21.30 -7.59
N MET A 189 4.71 20.99 -8.85
CA MET A 189 5.62 19.93 -9.25
C MET A 189 6.67 20.51 -10.18
N ALA A 190 7.94 20.23 -9.91
CA ALA A 190 8.99 20.67 -10.80
C ALA A 190 9.09 19.75 -12.00
N GLN A 191 9.57 20.31 -13.12
CA GLN A 191 9.77 19.48 -14.30
C GLN A 191 10.79 18.39 -14.04
N GLU A 192 11.88 18.73 -13.35
CA GLU A 192 12.91 17.73 -13.07
C GLU A 192 13.64 18.11 -11.79
N GLY A 193 13.85 17.11 -10.92
CA GLY A 193 14.69 17.30 -9.75
C GLY A 193 13.97 17.94 -8.57
N VAL A 194 14.76 18.57 -7.72
CA VAL A 194 14.29 19.26 -6.50
C VAL A 194 14.93 20.64 -6.49
N ILE A 195 14.09 21.67 -6.45
CA ILE A 195 14.50 23.07 -6.61
C ILE A 195 14.24 23.81 -5.30
N LEU A 196 15.25 24.49 -4.78
CA LEU A 196 15.10 25.32 -3.59
C LEU A 196 14.63 26.73 -3.96
N ASP A 197 13.59 27.19 -3.26
CA ASP A 197 13.20 28.61 -3.25
C ASP A 197 13.76 29.19 -1.96
N ASP A 198 14.84 29.98 -2.09
CA ASP A 198 15.50 30.53 -0.92
C ASP A 198 14.81 31.76 -0.38
N VAL A 199 13.76 32.25 -1.04
CA VAL A 199 13.03 33.41 -0.54
C VAL A 199 11.99 32.99 0.50
N ASP A 200 11.13 32.04 0.17
CA ASP A 200 10.14 31.57 1.13
C ASP A 200 10.59 30.34 1.90
N SER A 201 11.78 29.80 1.60
N SER A 201 11.77 29.79 1.57
CA SER A 201 12.33 28.62 2.26
CA SER A 201 12.34 28.63 2.26
C SER A 201 11.43 27.40 2.07
C SER A 201 11.47 27.39 2.07
N SER A 202 11.38 26.98 0.80
CA SER A 202 10.58 25.82 0.41
C SER A 202 11.29 25.13 -0.74
N VAL A 203 10.85 23.90 -1.03
CA VAL A 203 11.34 23.17 -2.20
C VAL A 203 10.16 22.86 -3.13
N CYS A 204 10.52 22.56 -4.37
CA CYS A 204 9.59 22.06 -5.36
C CYS A 204 10.20 20.78 -5.94
N ARG A 205 9.45 19.69 -5.91
CA ARG A 205 9.94 18.37 -6.27
C ARG A 205 9.27 17.88 -7.54
N ASP A 206 9.98 17.08 -8.32
CA ASP A 206 9.37 16.51 -9.52
C ASP A 206 8.43 15.35 -9.18
N LEU A 207 7.72 14.87 -10.20
CA LEU A 207 6.70 13.84 -9.99
C LEU A 207 7.31 12.55 -9.44
N ASP A 208 8.53 12.20 -9.89
CA ASP A 208 9.13 10.96 -9.43
C ASP A 208 9.49 11.04 -7.95
N VAL A 209 10.02 12.18 -7.51
CA VAL A 209 10.36 12.35 -6.11
C VAL A 209 9.11 12.24 -5.25
N VAL A 210 8.03 12.91 -5.65
CA VAL A 210 6.79 12.83 -4.88
C VAL A 210 6.24 11.41 -4.86
N ARG A 211 6.28 10.72 -6.00
CA ARG A 211 5.86 9.32 -6.04
C ARG A 211 6.64 8.48 -5.04
N ARG A 212 7.97 8.69 -4.98
CA ARG A 212 8.78 7.92 -4.05
C ARG A 212 8.38 8.19 -2.60
N ILE A 213 8.11 9.45 -2.27
CA ILE A 213 7.75 9.79 -0.90
C ILE A 213 6.39 9.20 -0.53
N ILE A 214 5.43 9.28 -1.46
CA ILE A 214 4.11 8.68 -1.23
C ILE A 214 4.24 7.20 -0.96
N CYS A 215 5.03 6.50 -1.78
N CYS A 215 5.04 6.50 -1.77
CA CYS A 215 5.24 5.08 -1.59
CA CYS A 215 5.24 5.07 -1.58
C CYS A 215 5.89 4.78 -0.24
C CYS A 215 5.88 4.77 -0.24
N SER A 216 6.86 5.59 0.18
CA SER A 216 7.54 5.36 1.44
C SER A 216 6.63 5.56 2.65
N ALA A 217 5.54 6.32 2.51
CA ALA A 217 4.57 6.49 3.59
C ALA A 217 3.58 5.33 3.67
N GLY A 218 3.63 4.38 2.75
CA GLY A 218 2.70 3.28 2.76
C GLY A 218 1.40 3.58 2.05
N LEU A 219 1.37 4.58 1.20
CA LEU A 219 0.14 5.03 0.56
C LEU A 219 0.03 4.49 -0.86
N SER A 220 -1.20 4.26 -1.29
CA SER A 220 -1.53 3.82 -2.64
C SER A 220 -2.17 4.98 -3.40
N LEU A 221 -1.85 5.07 -4.69
CA LEU A 221 -2.33 6.15 -5.54
C LEU A 221 -3.68 5.77 -6.14
N LEU A 222 -4.70 6.59 -5.86
CA LEU A 222 -6.03 6.38 -6.41
C LEU A 222 -6.30 7.21 -7.66
N ALA A 223 -5.76 8.42 -7.73
CA ALA A 223 -5.97 9.29 -8.89
C ALA A 223 -4.87 10.34 -8.91
N GLU A 224 -4.53 10.78 -10.12
CA GLU A 224 -3.51 11.81 -10.32
C GLU A 224 -3.95 12.69 -11.47
N GLU A 225 -3.92 14.01 -11.27
CA GLU A 225 -4.50 14.91 -12.25
C GLU A 225 -3.71 16.21 -12.26
N ARG A 226 -3.23 16.61 -13.43
CA ARG A 226 -2.60 17.92 -13.58
C ARG A 226 -3.67 18.99 -13.73
N GLN A 227 -3.54 20.07 -12.95
CA GLN A 227 -4.48 21.17 -13.01
C GLN A 227 -4.38 21.89 -14.34
N GLU A 228 -5.50 22.02 -15.02
CA GLU A 228 -5.57 22.73 -16.28
C GLU A 228 -5.78 24.21 -16.03
N ASN A 229 -5.59 24.99 -17.09
CA ASN A 229 -6.02 26.37 -17.17
C ASN A 229 -5.30 27.30 -16.21
N LEU A 230 -4.09 26.97 -15.78
CA LEU A 230 -3.36 27.84 -14.88
C LEU A 230 -2.43 28.78 -15.66
N PRO A 231 -2.03 29.89 -15.03
CA PRO A 231 -1.06 30.81 -15.65
C PRO A 231 0.12 30.09 -16.30
N ASP A 232 0.52 30.57 -17.47
CA ASP A 232 1.54 29.90 -18.24
C ASP A 232 2.89 29.88 -17.54
N GLU A 233 3.16 30.87 -16.69
CA GLU A 233 4.52 31.05 -16.18
C GLU A 233 4.81 30.26 -14.90
N ILE A 234 3.82 29.62 -14.30
CA ILE A 234 4.00 28.99 -12.98
C ILE A 234 4.32 27.51 -13.10
N TYR A 235 4.80 26.92 -12.00
CA TYR A 235 5.01 25.48 -11.95
C TYR A 235 3.69 24.76 -12.23
N HIS A 236 3.79 23.60 -12.87
CA HIS A 236 2.63 22.73 -12.99
C HIS A 236 2.15 22.30 -11.60
N VAL A 237 0.83 22.10 -11.50
CA VAL A 237 0.16 21.76 -10.25
C VAL A 237 -0.54 20.44 -10.45
N TYR A 238 -0.32 19.50 -9.52
CA TYR A 238 -0.91 18.18 -9.60
C TYR A 238 -1.67 17.88 -8.31
N SER A 239 -2.76 17.12 -8.48
CA SER A 239 -3.52 16.56 -7.37
C SER A 239 -3.31 15.05 -7.35
N PHE A 240 -3.05 14.51 -6.16
CA PHE A 240 -2.93 13.06 -5.93
C PHE A 240 -3.94 12.67 -4.87
N ALA A 241 -4.81 11.71 -5.18
CA ALA A 241 -5.67 11.11 -4.16
C ALA A 241 -5.04 9.80 -3.70
N LEU A 242 -4.93 9.62 -2.38
CA LEU A 242 -4.12 8.57 -1.78
C LEU A 242 -4.89 7.90 -0.65
N ARG A 243 -4.59 6.63 -0.42
CA ARG A 243 -5.04 5.99 0.83
C ARG A 243 -4.17 4.78 1.21
N GLY B 18 17.23 -41.90 -3.88
CA GLY B 18 16.09 -41.78 -2.99
C GLY B 18 16.19 -40.57 -2.09
N SER B 19 16.00 -39.38 -2.67
CA SER B 19 16.32 -38.15 -1.98
C SER B 19 15.41 -37.91 -0.77
N HIS B 20 16.01 -37.33 0.28
CA HIS B 20 15.31 -36.97 1.50
C HIS B 20 15.20 -35.47 1.69
N MET B 21 16.06 -34.69 1.03
CA MET B 21 16.26 -33.33 1.45
C MET B 21 16.78 -32.53 0.27
N THR B 22 16.55 -31.22 0.34
CA THR B 22 16.95 -30.34 -0.75
C THR B 22 18.46 -30.26 -0.92
N SER B 23 19.25 -30.52 0.14
CA SER B 23 20.70 -30.48 -0.03
C SER B 23 21.21 -31.61 -0.92
N GLU B 24 20.39 -32.62 -1.19
CA GLU B 24 20.77 -33.68 -2.12
C GLU B 24 20.59 -33.27 -3.57
N VAL B 25 19.89 -32.18 -3.85
CA VAL B 25 19.68 -31.73 -5.23
C VAL B 25 20.07 -30.29 -5.48
N ILE B 26 20.19 -29.43 -4.47
CA ILE B 26 20.56 -28.03 -4.69
C ILE B 26 22.07 -27.92 -4.51
N GLU B 27 22.80 -27.73 -5.60
CA GLU B 27 24.26 -27.67 -5.50
C GLU B 27 24.77 -26.35 -4.91
N ASP B 28 24.02 -25.25 -5.09
CA ASP B 28 24.49 -23.91 -4.71
C ASP B 28 23.23 -23.13 -4.35
N GLU B 29 23.02 -22.88 -3.05
CA GLU B 29 21.78 -22.26 -2.60
C GLU B 29 21.62 -20.85 -3.16
N LYS B 30 22.71 -20.08 -3.21
CA LYS B 30 22.62 -18.72 -3.75
C LYS B 30 22.10 -18.72 -5.19
N GLN B 31 22.63 -19.63 -6.02
CA GLN B 31 22.18 -19.72 -7.41
C GLN B 31 20.75 -20.24 -7.49
N PHE B 32 20.38 -21.16 -6.60
CA PHE B 32 19.00 -21.65 -6.56
C PHE B 32 18.01 -20.49 -6.41
N TYR B 33 18.34 -19.55 -5.52
CA TYR B 33 17.45 -18.41 -5.29
C TYR B 33 17.56 -17.38 -6.40
N SER B 34 18.78 -17.09 -6.87
CA SER B 34 18.92 -16.06 -7.89
C SER B 34 18.26 -16.49 -9.20
N LYS B 35 18.39 -17.78 -9.56
N LYS B 35 18.40 -17.77 -9.56
CA LYS B 35 17.81 -18.26 -10.81
CA LYS B 35 17.81 -18.24 -10.81
C LYS B 35 16.28 -18.19 -10.77
C LYS B 35 16.28 -18.20 -10.76
N ALA B 36 15.69 -18.51 -9.61
CA ALA B 36 14.24 -18.45 -9.50
C ALA B 36 13.75 -17.02 -9.59
N LYS B 37 14.47 -16.07 -9.00
CA LYS B 37 14.07 -14.67 -9.08
C LYS B 37 14.10 -14.19 -10.52
N THR B 38 15.16 -14.54 -11.26
CA THR B 38 15.25 -14.18 -12.67
C THR B 38 14.12 -14.80 -13.47
N TYR B 39 13.80 -16.07 -13.21
CA TYR B 39 12.71 -16.73 -13.93
C TYR B 39 11.40 -15.96 -13.78
N TRP B 40 11.03 -15.64 -12.54
CA TRP B 40 9.73 -15.00 -12.32
C TRP B 40 9.68 -13.58 -12.85
N LYS B 41 10.83 -12.90 -12.88
CA LYS B 41 10.87 -11.56 -13.46
C LYS B 41 10.48 -11.54 -14.93
N GLN B 42 10.61 -12.66 -15.65
CA GLN B 42 10.30 -12.71 -17.07
C GLN B 42 8.99 -13.45 -17.38
N ILE B 43 8.20 -13.76 -16.34
CA ILE B 43 6.89 -14.37 -16.52
C ILE B 43 5.84 -13.26 -16.59
N PRO B 44 4.89 -13.35 -17.52
CA PRO B 44 3.89 -12.28 -17.64
C PRO B 44 3.00 -12.24 -16.43
N PRO B 45 2.55 -11.04 -16.01
CA PRO B 45 1.71 -10.90 -14.79
C PRO B 45 0.25 -11.24 -15.08
N THR B 46 0.01 -12.52 -15.36
CA THR B 46 -1.30 -13.02 -15.74
C THR B 46 -1.59 -14.30 -14.96
N VAL B 47 -2.88 -14.68 -14.93
CA VAL B 47 -3.27 -15.94 -14.30
C VAL B 47 -2.54 -17.11 -14.96
N ASP B 48 -2.47 -17.11 -16.29
CA ASP B 48 -1.77 -18.20 -16.98
C ASP B 48 -0.29 -18.24 -16.59
N GLY B 49 0.30 -17.07 -16.34
CA GLY B 49 1.69 -17.05 -15.90
C GLY B 49 1.86 -17.61 -14.50
N MET B 50 0.95 -17.27 -13.59
CA MET B 50 0.95 -17.87 -12.25
C MET B 50 0.85 -19.38 -12.32
N LEU B 51 0.07 -19.90 -13.27
CA LEU B 51 -0.26 -21.32 -13.32
C LEU B 51 0.56 -22.08 -14.36
N GLY B 52 1.66 -21.51 -14.83
CA GLY B 52 2.57 -22.24 -15.70
C GLY B 52 1.93 -22.76 -16.96
N GLY B 53 1.07 -21.97 -17.58
CA GLY B 53 0.39 -22.38 -18.78
C GLY B 53 -0.89 -23.17 -18.57
N TYR B 54 -1.31 -23.35 -17.31
CA TYR B 54 -2.55 -24.04 -16.97
C TYR B 54 -3.57 -23.05 -16.41
N GLY B 55 -3.61 -21.84 -16.97
CA GLY B 55 -4.56 -20.85 -16.48
C GLY B 55 -5.98 -21.35 -16.43
N HIS B 56 -6.35 -22.28 -17.32
CA HIS B 56 -7.72 -22.75 -17.41
C HIS B 56 -8.15 -23.62 -16.24
N ILE B 57 -7.22 -24.05 -15.38
CA ILE B 57 -7.60 -24.85 -14.22
C ILE B 57 -7.84 -24.01 -12.98
N SER B 58 -7.81 -22.68 -13.08
CA SER B 58 -7.90 -21.83 -11.89
C SER B 58 -9.19 -22.08 -11.11
N SER B 59 -10.33 -22.12 -11.81
N SER B 59 -10.33 -22.14 -11.81
CA SER B 59 -11.62 -22.28 -11.12
CA SER B 59 -11.61 -22.27 -11.11
C SER B 59 -11.71 -23.60 -10.38
C SER B 59 -11.74 -23.61 -10.40
N ILE B 60 -11.24 -24.69 -10.99
CA ILE B 60 -11.24 -25.99 -10.31
C ILE B 60 -10.44 -25.90 -9.02
N ASP B 61 -9.28 -25.25 -9.08
CA ASP B 61 -8.43 -25.07 -7.90
C ASP B 61 -9.15 -24.22 -6.85
N ILE B 62 -9.63 -23.05 -7.24
CA ILE B 62 -10.25 -22.11 -6.31
C ILE B 62 -11.47 -22.72 -5.62
N ASN B 63 -12.33 -23.37 -6.41
CA ASN B 63 -13.56 -23.90 -5.82
C ASN B 63 -13.26 -25.00 -4.81
N SER B 64 -12.23 -25.81 -5.07
CA SER B 64 -11.86 -26.83 -4.09
C SER B 64 -11.27 -26.19 -2.84
N SER B 65 -10.44 -25.16 -3.01
CA SER B 65 -9.86 -24.49 -1.86
C SER B 65 -10.93 -23.86 -0.99
N ARG B 66 -11.97 -23.28 -1.61
CA ARG B 66 -13.07 -22.72 -0.84
C ARG B 66 -13.76 -23.78 0.00
N LYS B 67 -14.02 -24.96 -0.58
CA LYS B 67 -14.68 -26.03 0.16
C LYS B 67 -13.79 -26.54 1.29
N PHE B 68 -12.49 -26.64 1.04
CA PHE B 68 -11.55 -27.12 2.06
C PHE B 68 -11.50 -26.17 3.25
N LEU B 69 -11.50 -24.87 2.97
CA LEU B 69 -11.41 -23.88 4.05
C LEU B 69 -12.69 -23.80 4.86
N GLN B 70 -13.83 -24.22 4.28
CA GLN B 70 -15.12 -23.94 4.89
C GLN B 70 -15.28 -24.60 6.26
N ARG B 71 -14.77 -25.83 6.44
CA ARG B 71 -14.96 -26.50 7.72
C ARG B 71 -14.38 -25.69 8.87
N PHE B 72 -13.31 -24.95 8.61
CA PHE B 72 -12.61 -24.24 9.69
C PHE B 72 -13.30 -22.95 10.10
N LEU B 73 -14.20 -22.43 9.26
CA LEU B 73 -14.85 -21.16 9.53
C LEU B 73 -16.20 -21.31 10.22
N ARG B 74 -16.64 -22.53 10.47
CA ARG B 74 -17.94 -22.76 11.09
C ARG B 74 -17.90 -22.42 12.57
N GLU B 75 -19.06 -22.01 13.10
CA GLU B 75 -19.18 -21.74 14.52
C GLU B 75 -18.85 -22.98 15.33
N GLY B 76 -18.15 -22.78 16.44
CA GLY B 76 -17.79 -23.89 17.30
C GLY B 76 -16.59 -23.54 18.15
N PRO B 77 -16.12 -24.51 18.93
CA PRO B 77 -15.04 -24.23 19.90
C PRO B 77 -13.75 -23.82 19.26
N ASN B 78 -13.53 -24.17 17.99
CA ASN B 78 -12.24 -23.92 17.34
C ASN B 78 -12.36 -23.00 16.15
N LYS B 79 -13.45 -22.25 16.04
CA LYS B 79 -13.71 -21.44 14.84
C LYS B 79 -12.54 -20.53 14.50
N THR B 80 -12.07 -20.62 13.26
CA THR B 80 -11.09 -19.70 12.72
C THR B 80 -11.78 -18.38 12.34
N GLY B 81 -11.14 -17.28 12.71
CA GLY B 81 -11.70 -15.97 12.44
C GLY B 81 -11.65 -15.60 10.97
N THR B 82 -12.34 -14.49 10.65
CA THR B 82 -12.39 -13.98 9.28
C THR B 82 -11.96 -12.53 9.20
N SER B 83 -11.08 -12.10 10.11
CA SER B 83 -10.64 -10.71 10.10
C SER B 83 -9.50 -10.47 9.11
N CYS B 84 -8.54 -11.39 8.98
CA CYS B 84 -7.38 -11.07 8.18
C CYS B 84 -6.68 -12.33 7.70
N ALA B 85 -6.28 -12.34 6.43
CA ALA B 85 -5.53 -13.45 5.87
C ALA B 85 -4.25 -12.94 5.23
N LEU B 86 -3.25 -13.81 5.16
CA LEU B 86 -2.00 -13.54 4.48
C LEU B 86 -1.86 -14.52 3.31
N ASP B 87 -1.63 -13.98 2.11
CA ASP B 87 -1.44 -14.77 0.89
C ASP B 87 0.05 -14.77 0.57
N CYS B 88 0.69 -15.94 0.67
CA CYS B 88 2.15 -16.06 0.53
C CYS B 88 2.53 -16.56 -0.85
N GLY B 89 3.51 -15.90 -1.48
CA GLY B 89 3.77 -16.17 -2.88
C GLY B 89 2.56 -15.80 -3.70
N ALA B 90 1.95 -14.66 -3.38
CA ALA B 90 0.61 -14.36 -3.85
C ALA B 90 0.57 -14.04 -5.33
N GLY B 91 1.71 -13.69 -5.92
CA GLY B 91 1.71 -13.30 -7.33
C GLY B 91 0.82 -12.10 -7.56
N ILE B 92 0.07 -12.16 -8.66
CA ILE B 92 -0.86 -11.07 -9.00
C ILE B 92 -2.15 -11.09 -8.17
N GLY B 93 -2.30 -12.04 -7.27
CA GLY B 93 -3.49 -12.12 -6.45
C GLY B 93 -4.61 -12.99 -6.99
N ARG B 94 -4.30 -14.04 -7.74
CA ARG B 94 -5.32 -14.96 -8.24
C ARG B 94 -6.13 -15.55 -7.08
N ILE B 95 -5.47 -15.95 -6.00
CA ILE B 95 -6.13 -16.54 -4.84
C ILE B 95 -6.75 -15.44 -3.98
N THR B 96 -6.03 -14.34 -3.80
CA THR B 96 -6.57 -13.22 -3.04
C THR B 96 -7.90 -12.75 -3.63
N LYS B 97 -8.00 -12.71 -4.96
CA LYS B 97 -9.22 -12.19 -5.60
C LYS B 97 -10.42 -13.09 -5.32
N ARG B 98 -10.29 -14.40 -5.59
CA ARG B 98 -11.44 -15.27 -5.64
C ARG B 98 -11.65 -16.11 -4.39
N LEU B 99 -10.62 -16.35 -3.58
CA LEU B 99 -10.77 -17.12 -2.35
C LEU B 99 -10.78 -16.24 -1.11
N LEU B 100 -9.76 -15.38 -0.95
CA LEU B 100 -9.52 -14.74 0.34
C LEU B 100 -10.31 -13.45 0.55
N LEU B 101 -10.26 -12.51 -0.41
CA LEU B 101 -11.05 -11.28 -0.25
C LEU B 101 -12.53 -11.51 -0.01
N PRO B 102 -13.20 -12.50 -0.65
CA PRO B 102 -14.62 -12.71 -0.33
C PRO B 102 -14.86 -13.20 1.09
N LEU B 103 -13.86 -13.78 1.75
CA LEU B 103 -14.06 -14.39 3.05
C LEU B 103 -13.46 -13.60 4.22
N PHE B 104 -12.46 -12.75 3.97
CA PHE B 104 -11.73 -12.07 5.04
C PHE B 104 -11.87 -10.56 4.88
N ARG B 105 -12.02 -9.86 6.00
CA ARG B 105 -12.20 -8.42 5.95
C ARG B 105 -10.99 -7.72 5.33
N GLU B 106 -9.79 -8.18 5.66
CA GLU B 106 -8.57 -7.63 5.08
C GLU B 106 -7.64 -8.77 4.68
N VAL B 107 -6.79 -8.51 3.68
CA VAL B 107 -5.80 -9.46 3.23
C VAL B 107 -4.46 -8.73 3.07
N ASP B 108 -3.38 -9.38 3.47
CA ASP B 108 -2.02 -8.98 3.13
C ASP B 108 -1.48 -9.95 2.09
N MET B 109 -0.63 -9.44 1.20
CA MET B 109 0.01 -10.24 0.17
C MET B 109 1.51 -10.11 0.29
N VAL B 110 2.22 -11.22 0.12
CA VAL B 110 3.68 -11.17 0.06
C VAL B 110 4.17 -11.96 -1.15
N ASP B 111 5.10 -11.37 -1.90
CA ASP B 111 5.65 -12.03 -3.07
C ASP B 111 7.01 -11.41 -3.37
N ILE B 112 7.91 -12.21 -3.93
CA ILE B 112 9.24 -11.73 -4.25
C ILE B 112 9.27 -10.84 -5.50
N THR B 113 8.25 -10.92 -6.37
CA THR B 113 8.30 -10.29 -7.69
C THR B 113 7.49 -8.99 -7.67
N GLU B 114 8.19 -7.87 -7.69
CA GLU B 114 7.53 -6.56 -7.55
C GLU B 114 6.46 -6.34 -8.61
N ASP B 115 6.74 -6.71 -9.87
CA ASP B 115 5.80 -6.46 -10.95
C ASP B 115 4.47 -7.16 -10.74
N PHE B 116 4.48 -8.31 -10.07
CA PHE B 116 3.22 -9.01 -9.81
C PHE B 116 2.39 -8.24 -8.79
N LEU B 117 3.04 -7.68 -7.77
CA LEU B 117 2.31 -6.89 -6.79
C LEU B 117 1.81 -5.58 -7.39
N VAL B 118 2.57 -4.99 -8.31
CA VAL B 118 2.07 -3.83 -9.04
C VAL B 118 0.81 -4.20 -9.81
N GLN B 119 0.86 -5.30 -10.56
CA GLN B 119 -0.30 -5.73 -11.33
C GLN B 119 -1.48 -6.10 -10.44
N ALA B 120 -1.22 -6.58 -9.22
CA ALA B 120 -2.31 -6.96 -8.32
C ALA B 120 -3.25 -5.79 -8.07
N LYS B 121 -2.71 -4.56 -8.00
N LYS B 121 -2.71 -4.56 -8.00
CA LYS B 121 -3.52 -3.39 -7.70
CA LYS B 121 -3.52 -3.39 -7.70
C LYS B 121 -4.70 -3.26 -8.66
C LYS B 121 -4.70 -3.25 -8.65
N THR B 122 -4.46 -3.42 -9.95
CA THR B 122 -5.54 -3.32 -10.93
C THR B 122 -6.24 -4.64 -11.17
N TYR B 123 -5.52 -5.76 -11.10
CA TYR B 123 -6.18 -7.05 -11.23
C TYR B 123 -7.27 -7.23 -10.17
N LEU B 124 -7.02 -6.77 -8.94
CA LEU B 124 -7.96 -6.96 -7.85
C LEU B 124 -9.12 -5.97 -7.87
N GLY B 125 -8.96 -4.84 -8.55
CA GLY B 125 -10.06 -3.91 -8.72
C GLY B 125 -10.57 -3.33 -7.42
N GLU B 126 -11.89 -3.12 -7.36
CA GLU B 126 -12.49 -2.45 -6.22
C GLU B 126 -12.29 -3.23 -4.93
N GLU B 127 -12.48 -4.55 -4.97
CA GLU B 127 -12.28 -5.37 -3.78
C GLU B 127 -10.84 -5.30 -3.28
N GLY B 128 -9.89 -5.06 -4.17
CA GLY B 128 -8.49 -4.93 -3.77
C GLY B 128 -8.20 -3.78 -2.83
N LYS B 129 -9.14 -2.84 -2.65
CA LYS B 129 -8.94 -1.81 -1.65
C LYS B 129 -8.82 -2.39 -0.25
N ARG B 130 -9.28 -3.61 -0.05
CA ARG B 130 -9.18 -4.28 1.24
C ARG B 130 -7.88 -5.05 1.42
N VAL B 131 -6.98 -5.02 0.44
CA VAL B 131 -5.62 -5.49 0.66
C VAL B 131 -4.90 -4.44 1.51
N ARG B 132 -4.46 -4.84 2.70
CA ARG B 132 -3.90 -3.89 3.64
C ARG B 132 -2.43 -3.59 3.33
N ASN B 133 -1.62 -4.63 3.16
CA ASN B 133 -0.20 -4.49 2.89
C ASN B 133 0.19 -5.32 1.67
N TYR B 134 1.01 -4.73 0.80
CA TYR B 134 1.69 -5.45 -0.26
C TYR B 134 3.16 -5.52 0.14
N PHE B 135 3.63 -6.70 0.53
CA PHE B 135 5.01 -6.91 0.94
C PHE B 135 5.80 -7.51 -0.21
N CYS B 136 6.82 -6.81 -0.69
CA CYS B 136 7.72 -7.37 -1.69
C CYS B 136 8.93 -7.91 -0.96
N CYS B 137 8.98 -9.24 -0.81
CA CYS B 137 9.99 -9.89 0.02
C CYS B 137 10.01 -11.36 -0.35
N GLY B 138 11.20 -11.97 -0.34
CA GLY B 138 11.27 -13.42 -0.39
C GLY B 138 10.78 -13.99 0.93
N LEU B 139 10.05 -15.12 0.85
CA LEU B 139 9.54 -15.72 2.07
C LEU B 139 10.67 -16.06 3.04
N GLN B 140 11.83 -16.44 2.52
CA GLN B 140 12.98 -16.77 3.36
C GLN B 140 13.48 -15.57 4.16
N ASP B 141 13.05 -14.35 3.81
CA ASP B 141 13.45 -13.14 4.51
C ASP B 141 12.29 -12.44 5.18
N PHE B 142 11.09 -13.03 5.17
CA PHE B 142 9.87 -12.36 5.58
C PHE B 142 9.46 -12.82 6.97
N THR B 143 9.14 -11.86 7.85
CA THR B 143 8.63 -12.16 9.18
C THR B 143 7.24 -11.58 9.34
N PRO B 144 6.19 -12.40 9.30
CA PRO B 144 4.85 -11.87 9.54
C PRO B 144 4.70 -11.44 11.00
N GLU B 145 3.92 -10.39 11.21
CA GLU B 145 3.81 -9.79 12.54
C GLU B 145 3.02 -10.71 13.47
N PRO B 146 3.42 -10.82 14.73
CA PRO B 146 2.68 -11.67 15.68
C PRO B 146 1.22 -11.25 15.79
N ASP B 147 0.37 -12.26 16.00
CA ASP B 147 -1.05 -12.05 16.31
C ASP B 147 -1.77 -11.28 15.19
N SER B 148 -1.47 -11.62 13.94
CA SER B 148 -1.99 -10.85 12.82
C SER B 148 -3.00 -11.57 11.94
N TYR B 149 -2.89 -12.89 11.78
CA TYR B 149 -3.59 -13.56 10.68
C TYR B 149 -4.45 -14.71 11.17
N ASP B 150 -5.68 -14.77 10.69
CA ASP B 150 -6.55 -15.91 10.95
C ASP B 150 -6.23 -17.07 10.02
N VAL B 151 -5.83 -16.76 8.78
CA VAL B 151 -5.47 -17.79 7.80
C VAL B 151 -4.23 -17.31 7.08
N ILE B 152 -3.22 -18.17 7.01
CA ILE B 152 -2.04 -17.94 6.19
C ILE B 152 -2.07 -18.98 5.06
N TRP B 153 -2.19 -18.51 3.82
CA TRP B 153 -2.36 -19.35 2.65
C TRP B 153 -1.07 -19.37 1.85
N ILE B 154 -0.51 -20.57 1.65
CA ILE B 154 0.81 -20.74 1.02
C ILE B 154 0.62 -21.73 -0.11
N GLN B 155 0.54 -21.24 -1.35
CA GLN B 155 0.17 -22.11 -2.47
C GLN B 155 1.16 -21.97 -3.62
N TRP B 156 1.65 -23.10 -4.11
CA TRP B 156 2.51 -23.16 -5.28
C TRP B 156 3.74 -22.26 -5.13
N VAL B 157 4.36 -22.34 -3.95
CA VAL B 157 5.57 -21.56 -3.67
C VAL B 157 6.55 -22.29 -2.74
N ILE B 158 6.10 -23.32 -2.00
CA ILE B 158 7.03 -23.95 -1.04
C ILE B 158 8.24 -24.58 -1.73
N GLY B 159 8.09 -25.01 -2.99
CA GLY B 159 9.22 -25.56 -3.72
C GLY B 159 10.32 -24.55 -4.01
N HIS B 160 10.07 -23.28 -3.79
CA HIS B 160 11.09 -22.26 -3.98
C HIS B 160 11.93 -22.00 -2.74
N LEU B 161 11.64 -22.65 -1.63
CA LEU B 161 12.47 -22.51 -0.43
C LEU B 161 13.25 -23.79 -0.17
N THR B 162 14.46 -23.64 0.35
CA THR B 162 15.20 -24.80 0.84
C THR B 162 14.50 -25.37 2.07
N ASP B 163 14.88 -26.57 2.46
CA ASP B 163 14.25 -27.19 3.62
C ASP B 163 14.41 -26.33 4.89
N GLN B 164 15.63 -25.82 5.14
CA GLN B 164 15.83 -25.02 6.35
C GLN B 164 15.02 -23.72 6.29
N HIS B 165 14.99 -23.06 5.13
CA HIS B 165 14.19 -21.84 5.03
C HIS B 165 12.71 -22.13 5.17
N LEU B 166 12.25 -23.26 4.63
CA LEU B 166 10.83 -23.58 4.71
C LEU B 166 10.43 -23.87 6.16
N ALA B 167 11.24 -24.66 6.88
CA ALA B 167 10.94 -24.94 8.28
C ALA B 167 10.90 -23.66 9.10
N GLU B 168 11.89 -22.78 8.91
CA GLU B 168 11.91 -21.55 9.68
C GLU B 168 10.76 -20.61 9.29
N PHE B 169 10.43 -20.54 7.99
CA PHE B 169 9.33 -19.69 7.57
C PHE B 169 8.02 -20.16 8.18
N LEU B 170 7.79 -21.48 8.19
CA LEU B 170 6.55 -21.98 8.79
C LEU B 170 6.50 -21.69 10.29
N ARG B 171 7.65 -21.74 10.97
CA ARG B 171 7.68 -21.40 12.40
C ARG B 171 7.34 -19.93 12.62
N ARG B 172 7.84 -19.04 11.74
CA ARG B 172 7.49 -17.63 11.87
C ARG B 172 6.01 -17.40 11.59
N CYS B 173 5.46 -18.12 10.60
CA CYS B 173 4.02 -18.05 10.34
C CYS B 173 3.21 -18.48 11.56
N LYS B 174 3.61 -19.57 12.21
CA LYS B 174 2.91 -20.02 13.40
C LYS B 174 2.86 -18.92 14.45
N GLY B 175 3.95 -18.17 14.60
CA GLY B 175 3.99 -17.07 15.54
C GLY B 175 3.15 -15.87 15.16
N SER B 176 2.59 -15.85 13.95
CA SER B 176 1.75 -14.73 13.53
C SER B 176 0.27 -15.06 13.53
N LEU B 177 -0.10 -16.28 13.91
CA LEU B 177 -1.51 -16.68 13.90
C LEU B 177 -2.27 -16.09 15.08
N ARG B 178 -3.48 -15.61 14.79
CA ARG B 178 -4.44 -15.27 15.82
C ARG B 178 -4.96 -16.54 16.46
N PRO B 179 -5.68 -16.43 17.60
CA PRO B 179 -6.26 -17.63 18.21
C PRO B 179 -7.15 -18.38 17.22
N ASN B 180 -7.00 -19.70 17.20
CA ASN B 180 -7.66 -20.61 16.28
C ASN B 180 -7.24 -20.42 14.83
N GLY B 181 -6.22 -19.61 14.57
CA GLY B 181 -5.75 -19.43 13.20
C GLY B 181 -5.15 -20.70 12.63
N ILE B 182 -5.10 -20.77 11.30
CA ILE B 182 -4.53 -21.92 10.62
C ILE B 182 -3.60 -21.46 9.50
N ILE B 183 -2.66 -22.33 9.16
CA ILE B 183 -1.86 -22.22 7.95
C ILE B 183 -2.33 -23.28 6.98
N VAL B 184 -2.50 -22.91 5.71
CA VAL B 184 -2.79 -23.88 4.66
C VAL B 184 -1.64 -23.88 3.66
N ILE B 185 -1.06 -25.06 3.42
CA ILE B 185 -0.15 -25.26 2.31
C ILE B 185 -0.91 -26.02 1.23
N LYS B 186 -0.86 -25.53 0.00
CA LYS B 186 -1.41 -26.23 -1.14
C LYS B 186 -0.35 -26.25 -2.22
N ASP B 187 0.11 -27.43 -2.61
CA ASP B 187 1.27 -27.46 -3.51
C ASP B 187 1.40 -28.80 -4.21
N ASN B 188 2.31 -28.83 -5.18
CA ASN B 188 2.66 -30.05 -5.88
C ASN B 188 3.40 -30.99 -4.94
N MET B 189 3.12 -32.28 -5.07
CA MET B 189 3.79 -33.31 -4.30
C MET B 189 4.33 -34.37 -5.25
N ALA B 190 5.60 -34.71 -5.10
CA ALA B 190 6.18 -35.78 -5.88
C ALA B 190 5.77 -37.13 -5.30
N GLN B 191 5.74 -38.15 -6.16
CA GLN B 191 5.45 -39.49 -5.66
C GLN B 191 6.53 -39.97 -4.70
N GLU B 192 7.80 -39.71 -5.03
CA GLU B 192 8.90 -40.13 -4.18
C GLU B 192 10.08 -39.17 -4.34
N GLY B 193 10.66 -38.78 -3.21
CA GLY B 193 11.92 -38.07 -3.23
C GLY B 193 11.77 -36.56 -3.31
N VAL B 194 12.84 -35.93 -3.78
CA VAL B 194 12.91 -34.49 -4.00
C VAL B 194 13.45 -34.28 -5.41
N ILE B 195 12.71 -33.54 -6.23
CA ILE B 195 13.01 -33.40 -7.65
C ILE B 195 13.25 -31.92 -7.95
N LEU B 196 14.40 -31.61 -8.52
CA LEU B 196 14.73 -30.24 -8.90
C LEU B 196 14.19 -29.95 -10.30
N ASP B 197 13.52 -28.81 -10.44
CA ASP B 197 13.17 -28.26 -11.75
C ASP B 197 14.20 -27.17 -12.02
N ASP B 198 15.15 -27.45 -12.92
CA ASP B 198 16.22 -26.48 -13.18
C ASP B 198 15.80 -25.42 -14.19
N VAL B 199 14.54 -25.38 -14.59
CA VAL B 199 14.03 -24.30 -15.42
C VAL B 199 13.51 -23.14 -14.57
N ASP B 200 12.62 -23.40 -13.63
CA ASP B 200 12.16 -22.34 -12.73
C ASP B 200 12.94 -22.31 -11.42
N SER B 201 13.86 -23.25 -11.20
CA SER B 201 14.69 -23.29 -9.99
C SER B 201 13.83 -23.48 -8.74
N SER B 202 13.19 -24.65 -8.69
CA SER B 202 12.31 -25.03 -7.59
C SER B 202 12.41 -26.53 -7.40
N VAL B 203 11.95 -27.00 -6.24
CA VAL B 203 11.93 -28.43 -5.94
C VAL B 203 10.49 -28.88 -5.75
N CYS B 204 10.26 -30.15 -6.04
CA CYS B 204 9.01 -30.83 -5.72
C CYS B 204 9.35 -31.95 -4.73
N ARG B 205 8.66 -31.96 -3.60
CA ARG B 205 8.95 -32.88 -2.50
C ARG B 205 7.81 -33.88 -2.33
N ASP B 206 8.15 -35.08 -1.86
CA ASP B 206 7.11 -36.06 -1.55
C ASP B 206 6.43 -35.74 -0.22
N LEU B 207 5.33 -36.46 0.06
CA LEU B 207 4.54 -36.19 1.27
C LEU B 207 5.36 -36.36 2.53
N ASP B 208 6.23 -37.38 2.58
CA ASP B 208 7.00 -37.61 3.81
C ASP B 208 7.96 -36.47 4.10
N VAL B 209 8.64 -35.96 3.07
CA VAL B 209 9.53 -34.83 3.28
C VAL B 209 8.74 -33.63 3.81
N VAL B 210 7.60 -33.33 3.17
CA VAL B 210 6.81 -32.18 3.57
C VAL B 210 6.29 -32.34 5.00
N ARG B 211 5.81 -33.53 5.35
CA ARG B 211 5.35 -33.76 6.71
C ARG B 211 6.46 -33.57 7.74
N ARG B 212 7.69 -34.00 7.40
CA ARG B 212 8.78 -33.83 8.36
C ARG B 212 9.09 -32.35 8.58
N ILE B 213 9.05 -31.56 7.51
CA ILE B 213 9.32 -30.12 7.63
C ILE B 213 8.21 -29.44 8.43
N ILE B 214 6.96 -29.79 8.16
CA ILE B 214 5.83 -29.26 8.93
C ILE B 214 6.01 -29.57 10.42
N CYS B 215 6.34 -30.82 10.72
CA CYS B 215 6.60 -31.21 12.11
C CYS B 215 7.72 -30.39 12.72
N SER B 216 8.80 -30.16 11.96
N SER B 216 8.80 -30.14 11.97
CA SER B 216 9.94 -29.43 12.50
CA SER B 216 9.94 -29.44 12.53
C SER B 216 9.55 -28.02 12.91
C SER B 216 9.61 -27.99 12.87
N ALA B 217 8.62 -27.40 12.19
CA ALA B 217 8.18 -26.04 12.47
C ALA B 217 7.26 -25.96 13.68
N GLY B 218 6.97 -27.08 14.33
CA GLY B 218 6.10 -27.06 15.49
C GLY B 218 4.63 -27.08 15.13
N LEU B 219 4.30 -27.47 13.90
CA LEU B 219 2.93 -27.48 13.43
C LEU B 219 2.39 -28.90 13.38
N SER B 220 1.07 -29.03 13.46
CA SER B 220 0.41 -30.32 13.41
C SER B 220 -0.63 -30.30 12.28
N LEU B 221 -0.87 -31.48 11.73
CA LEU B 221 -1.81 -31.62 10.61
C LEU B 221 -3.24 -31.68 11.13
N LEU B 222 -4.08 -30.76 10.66
CA LEU B 222 -5.50 -30.77 10.96
C LEU B 222 -6.30 -31.53 9.91
N ALA B 223 -5.95 -31.36 8.64
CA ALA B 223 -6.62 -32.01 7.53
C ALA B 223 -5.68 -32.04 6.34
N GLU B 224 -5.84 -33.07 5.51
CA GLU B 224 -5.07 -33.26 4.29
C GLU B 224 -6.04 -33.71 3.20
N GLU B 225 -5.88 -33.18 2.00
CA GLU B 225 -6.81 -33.51 0.94
C GLU B 225 -6.11 -33.38 -0.42
N ARG B 226 -6.25 -34.42 -1.24
CA ARG B 226 -5.73 -34.37 -2.61
C ARG B 226 -6.69 -33.62 -3.52
N GLN B 227 -6.13 -32.74 -4.35
CA GLN B 227 -6.94 -31.98 -5.31
C GLN B 227 -7.40 -32.89 -6.43
N GLU B 228 -8.69 -32.89 -6.69
CA GLU B 228 -9.29 -33.73 -7.72
C GLU B 228 -9.44 -32.96 -9.03
N ASN B 229 -9.69 -33.71 -10.10
CA ASN B 229 -10.10 -33.17 -11.38
C ASN B 229 -9.00 -32.37 -12.09
N LEU B 230 -7.74 -32.65 -11.79
CA LEU B 230 -6.62 -32.01 -12.46
C LEU B 230 -6.22 -32.79 -13.71
N PRO B 231 -5.54 -32.14 -14.65
CA PRO B 231 -4.99 -32.87 -15.79
C PRO B 231 -4.08 -34.00 -15.34
N ASP B 232 -4.17 -35.14 -16.03
CA ASP B 232 -3.48 -36.35 -15.57
C ASP B 232 -1.97 -36.23 -15.62
N GLU B 233 -1.43 -35.34 -16.45
CA GLU B 233 0.02 -35.31 -16.66
C GLU B 233 0.78 -34.50 -15.62
N ILE B 234 0.11 -33.75 -14.76
CA ILE B 234 0.79 -32.85 -13.82
C ILE B 234 1.00 -33.55 -12.48
N TYR B 235 1.91 -32.97 -11.67
CA TYR B 235 2.12 -33.48 -10.33
C TYR B 235 0.81 -33.43 -9.55
N HIS B 236 0.62 -34.41 -8.68
CA HIS B 236 -0.53 -34.35 -7.78
C HIS B 236 -0.38 -33.15 -6.86
N VAL B 237 -1.54 -32.60 -6.47
CA VAL B 237 -1.61 -31.41 -5.62
C VAL B 237 -2.32 -31.79 -4.33
N TYR B 238 -1.76 -31.38 -3.19
CA TYR B 238 -2.36 -31.64 -1.89
C TYR B 238 -2.52 -30.35 -1.12
N SER B 239 -3.57 -30.29 -0.30
CA SER B 239 -3.78 -29.21 0.66
C SER B 239 -3.58 -29.75 2.06
N PHE B 240 -2.90 -28.98 2.91
CA PHE B 240 -2.68 -29.32 4.31
C PHE B 240 -3.13 -28.14 5.15
N ALA B 241 -4.02 -28.38 6.10
CA ALA B 241 -4.37 -27.36 7.08
C ALA B 241 -3.60 -27.67 8.36
N LEU B 242 -3.00 -26.64 8.95
CA LEU B 242 -2.01 -26.82 10.00
C LEU B 242 -2.25 -25.80 11.10
N ARG B 243 -1.92 -26.18 12.33
CA ARG B 243 -1.73 -25.16 13.36
C ARG B 243 -0.74 -25.63 14.42
N SAR C 1 2.11 29.18 -2.48
CA SAR C 1 1.07 28.72 -3.39
C SAR C 1 1.67 28.60 -4.81
O SAR C 1 2.78 28.13 -4.97
CN SAR C 1 1.95 28.59 -1.17
N PRO C 2 0.92 29.06 -5.82
CA PRO C 2 1.44 29.07 -7.19
C PRO C 2 2.73 29.90 -7.24
N ARG C 3 3.72 29.47 -8.03
CA ARG C 3 5.00 30.14 -8.10
C ARG C 3 5.51 30.14 -9.53
N ARG C 4 6.03 31.29 -9.96
CA ARG C 4 6.71 31.38 -11.24
C ARG C 4 7.87 30.39 -11.28
N ARG C 5 8.00 29.68 -12.40
CA ARG C 5 9.07 28.70 -12.53
C ARG C 5 10.43 29.40 -12.45
N SER C 6 11.35 28.75 -11.75
CA SER C 6 12.71 29.26 -11.54
C SER C 6 13.36 29.72 -12.84
N SAR D 1 3.64 -23.42 -10.36
CA SAR D 1 2.23 -23.78 -10.21
C SAR D 1 2.11 -25.24 -10.69
O SAR D 1 3.01 -26.02 -10.46
CN SAR D 1 3.84 -22.00 -10.20
N PRO D 2 0.99 -25.58 -11.35
CA PRO D 2 0.85 -26.90 -11.99
C PRO D 2 2.04 -27.17 -12.88
N ARG D 3 2.59 -28.39 -12.82
CA ARG D 3 3.78 -28.73 -13.59
C ARG D 3 3.65 -30.16 -14.10
N ARG D 4 3.98 -30.37 -15.38
CA ARG D 4 4.04 -31.72 -15.93
C ARG D 4 5.08 -32.53 -15.16
N ARG D 5 4.74 -33.77 -14.83
CA ARG D 5 5.69 -34.63 -14.13
C ARG D 5 6.82 -35.04 -15.07
N SER D 6 8.04 -35.09 -14.52
CA SER D 6 9.20 -35.54 -15.25
C SER D 6 9.44 -37.03 -15.01
N ARG D 7 10.26 -37.62 -15.88
CA ARG D 7 10.64 -39.03 -15.74
C ARG D 7 11.54 -39.25 -14.51
N SAH E . -3.27 25.78 1.57
CA SAH E . -3.74 27.17 1.63
CB SAH E . -2.65 28.13 2.05
CG SAH E . -1.41 28.09 1.16
SD SAH E . -0.12 29.28 1.62
C SAH E . -4.34 27.60 0.30
O SAH E . -4.11 26.96 -0.73
OXT SAH E . -5.05 28.61 0.26
C5' SAH E . 0.89 28.08 2.53
C4' SAH E . 0.45 27.89 3.98
O4' SAH E . 1.37 26.99 4.58
C3' SAH E . 0.48 29.16 4.83
O3' SAH E . -0.78 29.36 5.46
C2' SAH E . 1.57 28.90 5.87
O2' SAH E . 1.33 29.45 7.15
C1' SAH E . 1.55 27.38 5.93
N9 SAH E . 2.79 26.71 6.35
C8 SAH E . 4.07 26.94 5.93
N7 SAH E . 4.88 26.04 6.51
C5 SAH E . 4.14 25.21 7.29
C6 SAH E . 4.44 24.12 8.09
N6 SAH E . 5.68 23.66 8.26
N1 SAH E . 3.40 23.48 8.74
C2 SAH E . 2.11 23.92 8.61
N3 SAH E . 1.78 25.01 7.83
C4 SAH E . 2.81 25.62 7.17
N SAH F . 0.40 -18.59 -5.25
CA SAH F . 0.01 -17.87 -6.48
CB SAH F . 1.19 -17.68 -7.44
CG SAH F . 1.90 -18.99 -7.80
SD SAH F . 3.28 -18.77 -8.96
C SAH F . -1.11 -18.61 -7.19
O SAH F . -1.35 -19.79 -6.90
OXT SAH F . -1.76 -18.05 -8.09
C5' SAH F . 4.63 -18.66 -7.74
C4' SAH F . 4.81 -17.30 -7.08
O4' SAH F . 5.89 -17.44 -6.17
C3' SAH F . 5.23 -16.20 -8.03
O3' SAH F . 4.37 -15.09 -7.84
C2' SAH F . 6.65 -15.81 -7.63
O2' SAH F . 6.93 -14.43 -7.71
C1' SAH F . 6.65 -16.24 -6.18
N9 SAH F . 7.95 -16.60 -5.59
C8 SAH F . 8.94 -17.40 -6.11
N7 SAH F . 9.91 -17.50 -5.18
C5 SAH F . 9.56 -16.80 -4.08
C6 SAH F . 10.17 -16.58 -2.85
N6 SAH F . 11.38 -17.10 -2.58
N1 SAH F . 9.54 -15.79 -1.92
C2 SAH F . 8.30 -15.24 -2.19
N3 SAH F . 7.70 -15.47 -3.39
C4 SAH F . 8.31 -16.24 -4.32
#